data_6VPW
#
_entry.id   6VPW
#
_cell.length_a   44.093
_cell.length_b   44.093
_cell.length_c   143.062
_cell.angle_alpha   90.000
_cell.angle_beta   90.000
_cell.angle_gamma   90.000
#
_symmetry.space_group_name_H-M   'P 41'
#
loop_
_entity.id
_entity.type
_entity.pdbx_description
1 polymer 'Chemotaxis protein CheX'
2 water water
#
_entity_poly.entity_id   1
_entity_poly.type   'polypeptide(L)'
_entity_poly.pdbx_seq_one_letter_code
;SNARAEFVNPFLASLMNVLKTMASLELKPQKPRIKKDEIARGDVSGLIGMVGAQTRGSMSITFDEGLALEIMQNMLGERP
NGLNEEVTDMVGEITNMVTGGAKRILAESGFDFDMATPVVVSGKGHTIRHKCEGSIIIMPFSSQWGNAFIEICFE
;
_entity_poly.pdbx_strand_id   A,B
#
# COMPACT_ATOMS: atom_id res chain seq x y z
N ALA A 5 13.61 -10.79 12.35
CA ALA A 5 12.98 -12.10 11.95
C ALA A 5 11.90 -12.50 12.97
N GLU A 6 11.86 -11.84 14.13
CA GLU A 6 10.86 -12.13 15.20
C GLU A 6 9.45 -11.82 14.69
N PHE A 7 9.32 -11.00 13.67
CA PHE A 7 7.98 -10.61 13.17
C PHE A 7 7.47 -11.60 12.12
N VAL A 8 8.33 -12.50 11.62
CA VAL A 8 7.90 -13.39 10.51
C VAL A 8 6.77 -14.35 10.95
N ASN A 9 7.03 -15.22 11.93
CA ASN A 9 6.05 -16.26 12.32
C ASN A 9 4.71 -15.68 12.79
N PRO A 10 4.66 -14.65 13.65
CA PRO A 10 3.37 -14.06 14.05
C PRO A 10 2.50 -13.65 12.86
N PHE A 11 3.09 -13.03 11.81
CA PHE A 11 2.30 -12.63 10.61
C PHE A 11 1.85 -13.88 9.83
N LEU A 12 2.75 -14.83 9.62
CA LEU A 12 2.47 -16.07 8.85
C LEU A 12 1.33 -16.83 9.55
N ALA A 13 1.47 -17.04 10.85
CA ALA A 13 0.46 -17.76 11.67
C ALA A 13 -0.88 -17.00 11.64
N SER A 14 -0.82 -15.67 11.68
N SER A 14 -0.82 -15.68 11.70
CA SER A 14 -2.05 -14.85 11.71
CA SER A 14 -2.06 -14.85 11.71
C SER A 14 -2.85 -15.01 10.42
C SER A 14 -2.87 -15.03 10.41
N LEU A 15 -2.22 -14.98 9.24
CA LEU A 15 -3.00 -15.15 7.98
C LEU A 15 -3.61 -16.56 7.96
N MET A 16 -2.84 -17.56 8.35
CA MET A 16 -3.38 -18.95 8.30
C MET A 16 -4.54 -19.08 9.28
N ASN A 17 -4.41 -18.52 10.48
CA ASN A 17 -5.48 -18.65 11.51
C ASN A 17 -6.72 -17.84 11.11
N VAL A 18 -6.53 -16.68 10.48
CA VAL A 18 -7.71 -15.85 10.08
C VAL A 18 -8.50 -16.62 9.02
N LEU A 19 -7.80 -17.19 8.04
CA LEU A 19 -8.53 -17.90 6.95
C LEU A 19 -9.10 -19.23 7.43
N LYS A 20 -8.41 -19.92 8.33
CA LYS A 20 -8.93 -21.22 8.80
C LYS A 20 -10.18 -20.98 9.65
N THR A 21 -10.15 -19.97 10.53
CA THR A 21 -11.29 -19.72 11.45
C THR A 21 -12.43 -18.93 10.78
N MET A 22 -12.09 -17.88 10.03
CA MET A 22 -13.12 -16.97 9.49
C MET A 22 -13.66 -17.46 8.15
N ALA A 23 -12.86 -18.18 7.36
CA ALA A 23 -13.32 -18.63 6.02
C ALA A 23 -13.22 -20.15 5.88
N SER A 24 -12.92 -20.84 6.98
N SER A 24 -12.94 -20.86 6.98
CA SER A 24 -12.80 -22.33 6.97
CA SER A 24 -12.84 -22.35 6.93
C SER A 24 -11.96 -22.77 5.76
C SER A 24 -11.98 -22.76 5.73
N LEU A 25 -10.87 -22.05 5.47
CA LEU A 25 -9.99 -22.37 4.32
C LEU A 25 -8.55 -22.53 4.83
N GLU A 26 -7.89 -23.59 4.39
CA GLU A 26 -6.51 -23.92 4.84
C GLU A 26 -5.49 -23.54 3.77
N LEU A 27 -4.60 -22.61 4.09
CA LEU A 27 -3.48 -22.25 3.17
C LEU A 27 -2.30 -23.17 3.46
N LYS A 28 -1.57 -23.52 2.40
CA LYS A 28 -0.35 -24.34 2.49
C LYS A 28 0.83 -23.38 2.46
N PRO A 29 1.51 -23.17 3.62
CA PRO A 29 2.66 -22.27 3.65
C PRO A 29 3.91 -22.91 3.04
N GLN A 30 4.60 -22.14 2.18
CA GLN A 30 5.94 -22.54 1.67
C GLN A 30 6.94 -21.89 2.63
N LYS A 31 8.20 -22.29 2.59
CA LYS A 31 9.23 -21.70 3.50
C LYS A 31 9.43 -20.22 3.20
N PRO A 32 9.28 -19.32 4.19
CA PRO A 32 9.54 -17.89 3.95
C PRO A 32 11.01 -17.71 3.55
N ARG A 33 11.31 -16.61 2.86
CA ARG A 33 12.71 -16.37 2.42
C ARG A 33 12.88 -14.88 2.12
N ILE A 34 14.13 -14.44 2.00
CA ILE A 34 14.42 -13.03 1.63
C ILE A 34 14.03 -12.91 0.15
N LYS A 35 13.16 -11.96 -0.16
CA LYS A 35 12.73 -11.77 -1.57
C LYS A 35 13.97 -11.30 -2.34
N LYS A 36 14.12 -11.78 -3.57
CA LYS A 36 15.26 -11.35 -4.40
C LYS A 36 14.68 -10.82 -5.71
N ASP A 37 14.96 -11.48 -6.84
CA ASP A 37 14.48 -11.08 -8.19
C ASP A 37 13.25 -11.93 -8.54
N GLU A 38 12.78 -12.74 -7.61
CA GLU A 38 11.65 -13.70 -7.86
C GLU A 38 10.36 -12.97 -8.28
N ILE A 39 9.58 -13.65 -9.12
CA ILE A 39 8.28 -13.13 -9.60
C ILE A 39 7.27 -13.27 -8.46
N ALA A 40 6.56 -12.19 -8.13
CA ALA A 40 5.54 -12.18 -7.07
C ALA A 40 4.32 -11.38 -7.56
N ARG A 41 3.39 -12.06 -8.22
CA ARG A 41 2.21 -11.37 -8.81
C ARG A 41 0.91 -11.85 -8.14
N GLY A 42 -0.12 -11.01 -8.18
CA GLY A 42 -1.45 -11.37 -7.65
C GLY A 42 -2.52 -10.50 -8.28
N ASP A 43 -3.77 -10.66 -7.84
CA ASP A 43 -4.90 -9.97 -8.48
C ASP A 43 -5.52 -8.95 -7.53
N VAL A 44 -5.40 -9.19 -6.24
CA VAL A 44 -5.96 -8.24 -5.24
C VAL A 44 -5.04 -8.28 -4.02
N SER A 45 -4.62 -7.11 -3.55
CA SER A 45 -3.69 -7.02 -2.40
C SER A 45 -4.21 -6.04 -1.36
N GLY A 46 -3.99 -6.38 -0.09
CA GLY A 46 -4.20 -5.49 1.07
C GLY A 46 -2.83 -5.00 1.51
N LEU A 47 -2.69 -3.69 1.75
CA LEU A 47 -1.38 -3.06 2.12
C LEU A 47 -1.62 -2.21 3.37
N ILE A 48 -0.71 -2.30 4.35
CA ILE A 48 -0.91 -1.49 5.58
C ILE A 48 0.44 -1.08 6.14
N GLY A 49 0.53 0.16 6.61
CA GLY A 49 1.76 0.65 7.23
C GLY A 49 1.72 0.45 8.72
N MET A 50 2.88 0.35 9.33
CA MET A 50 2.97 0.16 10.80
C MET A 50 4.05 1.09 11.34
N VAL A 51 3.71 1.79 12.42
CA VAL A 51 4.66 2.71 13.11
C VAL A 51 4.67 2.39 14.61
N GLY A 52 5.86 2.11 15.13
CA GLY A 52 6.07 1.91 16.57
C GLY A 52 7.05 2.94 17.07
N ALA A 53 7.30 2.98 18.38
CA ALA A 53 8.25 3.98 18.93
C ALA A 53 9.68 3.67 18.44
N GLN A 54 10.01 2.39 18.23
CA GLN A 54 11.42 2.07 17.86
C GLN A 54 11.48 1.26 16.56
N THR A 55 10.37 1.15 15.83
CA THR A 55 10.41 0.45 14.53
C THR A 55 9.28 0.96 13.64
N ARG A 56 9.41 0.77 12.33
CA ARG A 56 8.30 1.10 11.41
C ARG A 56 8.42 0.18 10.20
N GLY A 57 7.33 -0.01 9.46
CA GLY A 57 7.43 -0.90 8.30
C GLY A 57 6.11 -1.03 7.60
N SER A 58 6.00 -2.04 6.74
CA SER A 58 4.77 -2.26 5.96
C SER A 58 4.56 -3.76 5.74
N MET A 59 3.31 -4.13 5.54
CA MET A 59 2.93 -5.52 5.24
C MET A 59 1.94 -5.51 4.07
N SER A 60 2.07 -6.49 3.18
CA SER A 60 1.09 -6.67 2.08
C SER A 60 0.67 -8.14 2.04
N ILE A 61 -0.60 -8.37 1.75
CA ILE A 61 -1.14 -9.74 1.50
C ILE A 61 -1.67 -9.69 0.09
N THR A 62 -1.16 -10.57 -0.77
CA THR A 62 -1.59 -10.60 -2.18
C THR A 62 -2.28 -11.93 -2.45
N PHE A 63 -3.43 -11.88 -3.14
CA PHE A 63 -4.21 -13.10 -3.46
C PHE A 63 -4.44 -13.25 -4.96
N ASP A 64 -4.40 -14.50 -5.43
CA ASP A 64 -4.91 -14.83 -6.78
C ASP A 64 -6.42 -14.62 -6.73
N GLU A 65 -7.03 -14.22 -7.86
CA GLU A 65 -8.50 -13.97 -7.90
C GLU A 65 -9.25 -15.22 -7.42
N GLY A 66 -8.87 -16.41 -7.92
CA GLY A 66 -9.56 -17.66 -7.58
C GLY A 66 -9.62 -17.86 -6.07
N LEU A 67 -8.52 -17.59 -5.38
CA LEU A 67 -8.43 -17.77 -3.91
C LEU A 67 -9.29 -16.72 -3.19
N ALA A 68 -9.16 -15.46 -3.59
CA ALA A 68 -10.00 -14.38 -3.04
C ALA A 68 -11.49 -14.74 -3.19
N LEU A 69 -11.91 -15.19 -4.38
CA LEU A 69 -13.34 -15.54 -4.59
C LEU A 69 -13.70 -16.73 -3.69
N GLU A 70 -12.78 -17.69 -3.50
CA GLU A 70 -13.10 -18.87 -2.64
C GLU A 70 -13.27 -18.39 -1.18
N ILE A 71 -12.38 -17.53 -0.70
CA ILE A 71 -12.50 -16.98 0.68
C ILE A 71 -13.86 -16.27 0.82
N MET A 72 -14.19 -15.41 -0.15
CA MET A 72 -15.47 -14.63 -0.15
C MET A 72 -16.67 -15.58 -0.12
N GLN A 73 -16.65 -16.62 -0.96
CA GLN A 73 -17.78 -17.57 -0.98
C GLN A 73 -17.95 -18.18 0.42
N ASN A 74 -16.84 -18.53 1.07
CA ASN A 74 -16.89 -19.19 2.40
C ASN A 74 -17.37 -18.19 3.47
N MET A 75 -16.84 -16.97 3.48
CA MET A 75 -17.17 -15.97 4.52
C MET A 75 -18.56 -15.35 4.30
N LEU A 76 -19.24 -15.67 3.19
CA LEU A 76 -20.56 -15.02 2.92
C LEU A 76 -21.61 -16.06 2.49
N GLY A 77 -21.18 -17.20 1.95
CA GLY A 77 -22.12 -18.24 1.50
C GLY A 77 -22.59 -18.02 0.06
N GLU A 78 -22.20 -16.90 -0.54
CA GLU A 78 -22.56 -16.58 -1.96
C GLU A 78 -21.32 -16.07 -2.69
N ARG A 79 -20.90 -16.79 -3.73
CA ARG A 79 -19.69 -16.44 -4.52
C ARG A 79 -19.95 -15.13 -5.27
N PRO A 80 -19.08 -14.10 -5.13
CA PRO A 80 -19.25 -12.83 -5.85
C PRO A 80 -18.95 -13.00 -7.35
N ASN A 81 -19.46 -12.07 -8.18
CA ASN A 81 -19.21 -12.13 -9.64
C ASN A 81 -17.71 -12.02 -9.99
N GLY A 82 -17.09 -10.88 -9.67
CA GLY A 82 -15.63 -10.70 -9.80
C GLY A 82 -15.08 -10.07 -8.54
N LEU A 83 -13.97 -9.31 -8.66
CA LEU A 83 -13.35 -8.59 -7.52
C LEU A 83 -14.08 -7.27 -7.28
N ASN A 84 -15.36 -7.33 -6.90
CA ASN A 84 -16.22 -6.12 -6.72
C ASN A 84 -15.84 -5.39 -5.41
N GLU A 85 -16.50 -4.25 -5.14
CA GLU A 85 -16.20 -3.47 -3.91
C GLU A 85 -16.36 -4.38 -2.68
N GLU A 86 -17.26 -5.36 -2.74
CA GLU A 86 -17.47 -6.27 -1.59
C GLU A 86 -16.20 -7.11 -1.38
N VAL A 87 -15.54 -7.53 -2.46
CA VAL A 87 -14.29 -8.35 -2.36
C VAL A 87 -13.16 -7.45 -1.82
N THR A 88 -13.07 -6.21 -2.30
CA THR A 88 -12.00 -5.31 -1.79
C THR A 88 -12.26 -4.98 -0.31
N ASP A 89 -13.53 -4.81 0.09
CA ASP A 89 -13.83 -4.57 1.53
C ASP A 89 -13.33 -5.76 2.34
N MET A 90 -13.57 -6.98 1.86
CA MET A 90 -13.15 -8.19 2.58
C MET A 90 -11.61 -8.26 2.67
N VAL A 91 -10.91 -7.94 1.60
CA VAL A 91 -9.41 -7.99 1.63
C VAL A 91 -8.91 -6.95 2.64
N GLY A 92 -9.57 -5.80 2.76
CA GLY A 92 -9.18 -4.79 3.76
C GLY A 92 -9.39 -5.30 5.18
N GLU A 93 -10.53 -5.96 5.43
CA GLU A 93 -10.84 -6.48 6.79
C GLU A 93 -9.86 -7.64 7.10
N ILE A 94 -9.56 -8.49 6.12
CA ILE A 94 -8.57 -9.59 6.35
C ILE A 94 -7.20 -8.97 6.68
N THR A 95 -6.77 -7.95 5.92
CA THR A 95 -5.48 -7.26 6.20
C THR A 95 -5.48 -6.70 7.63
N ASN A 96 -6.56 -6.04 8.05
CA ASN A 96 -6.70 -5.51 9.43
C ASN A 96 -6.66 -6.63 10.48
N MET A 97 -7.38 -7.73 10.22
CA MET A 97 -7.43 -8.83 11.23
C MET A 97 -6.06 -9.50 11.32
N VAL A 98 -5.37 -9.70 10.20
CA VAL A 98 -4.04 -10.38 10.26
C VAL A 98 -3.06 -9.47 11.00
N THR A 99 -3.05 -8.18 10.65
CA THR A 99 -2.13 -7.22 11.31
C THR A 99 -2.45 -7.10 12.80
N GLY A 100 -3.74 -7.03 13.15
CA GLY A 100 -4.21 -6.93 14.54
C GLY A 100 -3.75 -8.12 15.36
N GLY A 101 -3.88 -9.33 14.82
CA GLY A 101 -3.40 -10.55 15.50
C GLY A 101 -1.88 -10.54 15.68
N ALA A 102 -1.12 -10.21 14.63
CA ALA A 102 0.36 -10.15 14.70
C ALA A 102 0.78 -9.12 15.77
N LYS A 103 0.11 -7.97 15.75
CA LYS A 103 0.39 -6.87 16.71
C LYS A 103 0.20 -7.36 18.15
N ARG A 104 -0.87 -8.12 18.39
N ARG A 104 -0.88 -8.11 18.39
CA ARG A 104 -1.17 -8.60 19.76
CA ARG A 104 -1.15 -8.60 19.76
C ARG A 104 -0.08 -9.60 20.17
C ARG A 104 -0.07 -9.61 20.17
N ILE A 105 0.33 -10.49 19.26
CA ILE A 105 1.38 -11.51 19.57
C ILE A 105 2.73 -10.81 19.80
N LEU A 106 3.12 -9.93 18.89
CA LEU A 106 4.44 -9.24 19.02
C LEU A 106 4.48 -8.36 20.26
N ALA A 107 3.34 -7.81 20.70
CA ALA A 107 3.36 -6.97 21.93
C ALA A 107 3.81 -7.81 23.13
N GLU A 108 3.51 -9.12 23.11
CA GLU A 108 3.91 -9.99 24.24
C GLU A 108 5.42 -10.27 24.19
N SER A 109 6.07 -9.93 23.07
CA SER A 109 7.54 -10.13 22.90
C SER A 109 8.26 -8.77 22.94
N GLY A 110 7.59 -7.69 23.35
CA GLY A 110 8.20 -6.35 23.47
C GLY A 110 8.37 -5.65 22.12
N PHE A 111 7.68 -6.12 21.09
CA PHE A 111 7.76 -5.51 19.72
C PHE A 111 6.45 -4.77 19.50
N ASP A 112 6.45 -3.46 19.76
CA ASP A 112 5.19 -2.67 19.76
C ASP A 112 5.04 -1.84 18.49
N PHE A 113 3.83 -1.80 17.95
CA PHE A 113 3.56 -0.92 16.78
C PHE A 113 2.07 -0.62 16.70
N ASP A 114 1.74 0.47 16.02
CA ASP A 114 0.33 0.87 15.75
C ASP A 114 0.14 0.77 14.23
N MET A 115 -1.08 0.45 13.79
CA MET A 115 -1.32 0.27 12.33
C MET A 115 -1.96 1.51 11.73
N ALA A 116 -1.70 1.72 10.46
CA ALA A 116 -2.34 2.79 9.67
C ALA A 116 -3.65 2.19 9.14
N THR A 117 -4.17 2.73 8.05
CA THR A 117 -5.43 2.21 7.48
C THR A 117 -5.03 1.34 6.29
N PRO A 118 -5.75 0.23 6.04
CA PRO A 118 -5.42 -0.61 4.91
C PRO A 118 -5.84 0.05 3.59
N VAL A 119 -5.07 -0.27 2.57
CA VAL A 119 -5.34 0.18 1.17
C VAL A 119 -5.44 -1.11 0.34
N VAL A 120 -6.44 -1.20 -0.52
CA VAL A 120 -6.60 -2.42 -1.34
C VAL A 120 -6.37 -2.08 -2.82
N VAL A 121 -5.51 -2.87 -3.45
CA VAL A 121 -5.15 -2.68 -4.90
C VAL A 121 -5.75 -3.85 -5.68
N SER A 122 -6.36 -3.54 -6.82
CA SER A 122 -6.96 -4.56 -7.72
C SER A 122 -6.34 -4.39 -9.10
N GLY A 123 -5.96 -5.51 -9.70
CA GLY A 123 -5.35 -5.47 -11.05
C GLY A 123 -4.82 -6.83 -11.37
N LYS A 124 -5.25 -7.39 -12.49
CA LYS A 124 -4.83 -8.76 -12.86
C LYS A 124 -3.30 -8.80 -12.97
N GLY A 125 -2.65 -9.65 -12.18
CA GLY A 125 -1.19 -9.84 -12.29
C GLY A 125 -0.37 -8.64 -11.88
N HIS A 126 -0.85 -7.78 -10.97
CA HIS A 126 -0.01 -6.63 -10.52
C HIS A 126 1.13 -7.14 -9.61
N THR A 127 2.19 -6.34 -9.45
CA THR A 127 3.32 -6.73 -8.57
C THR A 127 3.47 -5.70 -7.43
N ILE A 128 4.06 -6.14 -6.32
CA ILE A 128 4.27 -5.27 -5.12
C ILE A 128 5.76 -5.22 -4.79
N ARG A 129 6.25 -4.05 -4.43
CA ARG A 129 7.66 -3.90 -4.05
C ARG A 129 7.73 -2.99 -2.82
N HIS A 130 8.05 -3.58 -1.67
CA HIS A 130 8.24 -2.77 -0.44
C HIS A 130 9.55 -2.02 -0.57
N LYS A 131 9.59 -0.80 -0.06
CA LYS A 131 10.83 -0.01 -0.07
C LYS A 131 11.14 0.35 1.37
N CYS A 132 11.92 -0.46 2.08
CA CYS A 132 12.31 -0.05 3.46
C CYS A 132 13.77 -0.47 3.65
N GLU A 133 14.42 -0.04 4.73
CA GLU A 133 15.88 -0.32 4.92
C GLU A 133 16.13 -1.74 5.44
N GLY A 134 15.13 -2.37 6.06
CA GLY A 134 15.31 -3.74 6.59
C GLY A 134 15.21 -4.77 5.48
N SER A 135 15.20 -6.04 5.87
CA SER A 135 15.12 -7.16 4.90
C SER A 135 13.66 -7.36 4.47
N ILE A 136 13.41 -7.48 3.16
CA ILE A 136 12.03 -7.76 2.68
C ILE A 136 11.84 -9.28 2.70
N ILE A 137 10.92 -9.76 3.55
CA ILE A 137 10.62 -11.21 3.68
C ILE A 137 9.35 -11.51 2.89
N ILE A 138 9.38 -12.54 2.04
CA ILE A 138 8.18 -12.97 1.29
C ILE A 138 7.78 -14.33 1.87
N MET A 139 6.50 -14.52 2.15
CA MET A 139 5.98 -15.79 2.71
C MET A 139 4.95 -16.31 1.71
N PRO A 140 5.33 -17.23 0.78
CA PRO A 140 4.38 -17.77 -0.19
C PRO A 140 3.39 -18.76 0.44
N PHE A 141 2.21 -18.86 -0.18
CA PHE A 141 1.15 -19.80 0.26
C PHE A 141 0.47 -20.38 -0.98
N SER A 142 -0.05 -21.60 -0.82
CA SER A 142 -0.73 -22.27 -1.95
C SER A 142 -2.05 -22.91 -1.48
N SER A 143 -2.94 -23.12 -2.45
CA SER A 143 -4.23 -23.82 -2.26
C SER A 143 -4.68 -24.27 -3.66
N GLN A 144 -5.69 -25.12 -3.73
CA GLN A 144 -6.08 -25.59 -5.08
C GLN A 144 -6.81 -24.46 -5.81
N TRP A 145 -7.24 -23.44 -5.06
CA TRP A 145 -8.04 -22.33 -5.66
C TRP A 145 -7.12 -21.20 -6.10
N GLY A 146 -5.82 -21.28 -5.75
CA GLY A 146 -4.87 -20.24 -6.13
C GLY A 146 -3.89 -19.95 -5.02
N ASN A 147 -2.92 -19.09 -5.33
CA ASN A 147 -1.78 -18.79 -4.43
C ASN A 147 -1.95 -17.40 -3.81
N ALA A 148 -1.15 -17.15 -2.78
CA ALA A 148 -1.13 -15.86 -2.09
C ALA A 148 0.27 -15.64 -1.56
N PHE A 149 0.55 -14.43 -1.11
CA PHE A 149 1.85 -14.25 -0.43
C PHE A 149 1.79 -13.00 0.44
N ILE A 150 2.49 -13.09 1.55
CA ILE A 150 2.67 -11.95 2.47
C ILE A 150 4.06 -11.40 2.20
N GLU A 151 4.17 -10.08 2.12
CA GLU A 151 5.52 -9.47 2.06
C GLU A 151 5.59 -8.52 3.25
N ILE A 152 6.74 -8.50 3.91
CA ILE A 152 6.84 -7.62 5.10
C ILE A 152 8.24 -7.02 5.14
N CYS A 153 8.31 -5.79 5.61
CA CYS A 153 9.60 -5.06 5.72
C CYS A 153 9.50 -4.19 6.98
N PHE A 154 10.42 -4.38 7.93
CA PHE A 154 10.49 -3.51 9.12
C PHE A 154 11.88 -2.88 9.17
N GLU A 155 11.96 -1.62 9.60
CA GLU A 155 13.28 -0.94 9.76
C GLU A 155 13.35 -0.32 11.16
N SER B 1 -15.46 11.60 10.83
CA SER B 1 -15.10 12.63 11.85
C SER B 1 -14.39 13.80 11.17
N ASN B 2 -14.70 15.04 11.59
CA ASN B 2 -14.06 16.24 10.99
C ASN B 2 -12.56 16.25 11.32
N ALA B 3 -11.75 16.66 10.35
CA ALA B 3 -10.29 16.77 10.60
C ALA B 3 -10.04 18.05 11.40
N ARG B 4 -8.90 18.13 12.08
CA ARG B 4 -8.56 19.32 12.88
C ARG B 4 -7.75 20.27 11.99
N ALA B 5 -7.56 19.90 10.72
CA ALA B 5 -6.86 20.75 9.73
C ALA B 5 -7.14 20.24 8.32
N GLU B 6 -7.08 21.13 7.34
CA GLU B 6 -7.31 20.75 5.94
C GLU B 6 -6.00 20.05 5.49
N PHE B 7 -5.98 18.72 5.56
CA PHE B 7 -4.73 17.95 5.32
C PHE B 7 -4.46 17.69 3.83
N VAL B 8 -5.38 18.02 2.91
CA VAL B 8 -5.15 17.73 1.47
C VAL B 8 -4.14 18.70 0.86
N ASN B 9 -4.41 20.00 0.97
CA ASN B 9 -3.57 21.06 0.33
C ASN B 9 -2.06 20.81 0.53
N PRO B 10 -1.57 20.50 1.75
CA PRO B 10 -0.13 20.27 1.92
C PRO B 10 0.43 19.08 1.10
N PHE B 11 -0.40 18.06 0.86
CA PHE B 11 0.05 16.92 0.02
C PHE B 11 0.11 17.36 -1.46
N LEU B 12 -0.87 18.15 -1.89
CA LEU B 12 -0.91 18.66 -3.30
C LEU B 12 0.29 19.57 -3.56
N ALA B 13 0.51 20.55 -2.69
CA ALA B 13 1.66 21.47 -2.83
C ALA B 13 2.98 20.69 -2.81
N SER B 14 3.11 19.72 -1.88
N SER B 14 3.10 19.74 -1.88
CA SER B 14 4.38 18.95 -1.78
CA SER B 14 4.33 18.90 -1.73
C SER B 14 4.61 18.12 -3.05
C SER B 14 4.60 18.12 -3.01
N LEU B 15 3.56 17.49 -3.59
CA LEU B 15 3.75 16.71 -4.85
C LEU B 15 4.24 17.64 -5.97
N MET B 16 3.58 18.79 -6.15
CA MET B 16 4.02 19.72 -7.22
C MET B 16 5.45 20.18 -6.95
N ASN B 17 5.77 20.43 -5.68
CA ASN B 17 7.12 20.92 -5.30
C ASN B 17 8.16 19.84 -5.60
N VAL B 18 7.91 18.62 -5.10
CA VAL B 18 8.88 17.50 -5.26
C VAL B 18 9.17 17.25 -6.75
N LEU B 19 8.14 17.31 -7.60
CA LEU B 19 8.38 16.99 -9.03
C LEU B 19 9.08 18.15 -9.74
N LYS B 20 8.79 19.39 -9.32
CA LYS B 20 9.47 20.56 -9.93
C LYS B 20 10.93 20.55 -9.47
N THR B 21 11.14 20.27 -8.17
CA THR B 21 12.46 20.23 -7.49
C THR B 21 13.35 19.08 -8.00
N MET B 22 12.84 17.85 -7.92
CA MET B 22 13.64 16.64 -8.27
C MET B 22 13.57 16.30 -9.77
N ALA B 23 12.53 16.74 -10.50
CA ALA B 23 12.41 16.29 -11.91
C ALA B 23 12.16 17.44 -12.89
N SER B 24 12.28 18.70 -12.43
N SER B 24 12.28 18.70 -12.43
CA SER B 24 12.07 19.87 -13.32
CA SER B 24 12.07 19.87 -13.33
C SER B 24 10.77 19.70 -14.11
C SER B 24 10.76 19.71 -14.12
N LEU B 25 9.79 18.99 -13.54
CA LEU B 25 8.51 18.71 -14.24
C LEU B 25 7.34 19.37 -13.49
N GLU B 26 6.44 20.01 -14.23
CA GLU B 26 5.28 20.69 -13.58
C GLU B 26 3.99 19.93 -13.91
N LEU B 27 3.22 19.60 -12.86
CA LEU B 27 1.90 18.95 -12.98
C LEU B 27 0.81 20.02 -12.90
N LYS B 28 -0.25 19.88 -13.72
CA LYS B 28 -1.39 20.82 -13.70
C LYS B 28 -2.49 20.23 -12.82
N PRO B 29 -2.90 20.91 -11.73
CA PRO B 29 -3.99 20.44 -10.88
C PRO B 29 -5.29 20.44 -11.71
N GLN B 30 -6.09 19.39 -11.59
CA GLN B 30 -7.36 19.28 -12.37
C GLN B 30 -8.58 19.31 -11.43
N LYS B 31 -9.78 19.43 -12.03
CA LYS B 31 -11.06 19.35 -11.28
C LYS B 31 -11.25 17.91 -10.81
N PRO B 32 -11.48 17.69 -9.49
CA PRO B 32 -11.69 16.33 -8.97
C PRO B 32 -13.13 15.85 -9.14
N ILE B 39 -13.13 3.96 -12.88
CA ILE B 39 -12.70 5.09 -13.75
C ILE B 39 -11.26 5.47 -13.38
N ALA B 40 -11.01 5.74 -12.09
CA ALA B 40 -9.66 6.14 -11.64
C ALA B 40 -8.75 4.90 -11.64
N ARG B 41 -7.75 4.91 -12.51
CA ARG B 41 -6.78 3.80 -12.69
C ARG B 41 -5.40 4.39 -12.98
N GLY B 42 -4.36 3.58 -12.81
CA GLY B 42 -2.99 3.99 -13.12
C GLY B 42 -2.10 2.79 -13.34
N ASP B 43 -0.79 3.03 -13.51
CA ASP B 43 0.14 1.94 -13.92
C ASP B 43 1.18 1.72 -12.83
N VAL B 44 1.46 2.74 -12.02
CA VAL B 44 2.44 2.57 -10.91
C VAL B 44 2.00 3.51 -9.79
N SER B 45 1.88 2.96 -8.58
CA SER B 45 1.39 3.71 -7.42
C SER B 45 2.32 3.55 -6.23
N GLY B 46 2.52 4.66 -5.51
CA GLY B 46 3.25 4.71 -4.24
C GLY B 46 2.23 4.83 -3.11
N LEU B 47 2.31 3.94 -2.12
CA LEU B 47 1.32 3.97 -1.01
C LEU B 47 2.07 4.01 0.32
N ILE B 48 1.58 4.83 1.24
CA ILE B 48 2.23 4.92 2.57
C ILE B 48 1.17 5.13 3.66
N GLY B 49 1.37 4.44 4.78
CA GLY B 49 0.48 4.63 5.93
C GLY B 49 1.00 5.73 6.86
N MET B 50 0.11 6.33 7.64
CA MET B 50 0.50 7.39 8.60
C MET B 50 -0.27 7.16 9.92
N VAL B 51 0.39 7.40 11.06
CA VAL B 51 -0.24 7.23 12.39
C VAL B 51 0.09 8.46 13.23
N GLY B 52 -0.94 9.05 13.83
CA GLY B 52 -0.80 10.21 14.72
C GLY B 52 -1.57 9.99 16.01
N ALA B 53 -1.56 10.96 16.92
CA ALA B 53 -2.29 10.81 18.19
C ALA B 53 -3.80 10.89 17.93
N GLN B 54 -4.23 11.94 17.22
CA GLN B 54 -5.67 12.24 17.00
C GLN B 54 -6.19 11.60 15.70
N THR B 55 -5.34 10.93 14.92
CA THR B 55 -5.82 10.32 13.64
C THR B 55 -4.81 9.34 13.05
N ARG B 56 -5.29 8.45 12.16
CA ARG B 56 -4.44 7.51 11.37
C ARG B 56 -4.97 7.47 9.94
N GLY B 57 -4.11 7.13 8.98
CA GLY B 57 -4.61 7.11 7.59
C GLY B 57 -3.59 6.63 6.58
N SER B 58 -3.81 6.97 5.32
CA SER B 58 -2.91 6.49 4.26
C SER B 58 -2.96 7.45 3.10
N MET B 59 -1.92 7.42 2.29
CA MET B 59 -1.90 8.28 1.10
C MET B 59 -1.39 7.45 -0.06
N SER B 60 -1.87 7.74 -1.26
CA SER B 60 -1.33 7.04 -2.45
C SER B 60 -1.14 8.06 -3.58
N ILE B 61 -0.07 7.88 -4.34
CA ILE B 61 0.18 8.68 -5.57
C ILE B 61 0.17 7.67 -6.71
N THR B 62 -0.73 7.86 -7.69
CA THR B 62 -0.86 6.94 -8.84
C THR B 62 -0.44 7.69 -10.11
N PHE B 63 0.42 7.06 -10.92
CA PHE B 63 0.92 7.66 -12.16
C PHE B 63 0.65 6.78 -13.40
N ASP B 64 0.32 7.43 -14.51
CA ASP B 64 0.29 6.75 -15.84
C ASP B 64 1.74 6.36 -16.15
N GLU B 65 1.96 5.26 -16.86
CA GLU B 65 3.35 4.81 -17.19
C GLU B 65 4.14 5.93 -17.89
N GLY B 66 3.53 6.53 -18.93
CA GLY B 66 4.20 7.62 -19.67
C GLY B 66 4.74 8.69 -18.76
N LEU B 67 3.95 9.11 -17.76
CA LEU B 67 4.36 10.16 -16.77
C LEU B 67 5.50 9.65 -15.89
N ALA B 68 5.39 8.42 -15.34
CA ALA B 68 6.48 7.88 -14.50
C ALA B 68 7.79 7.84 -15.31
N LEU B 69 7.73 7.41 -16.58
CA LEU B 69 8.96 7.33 -17.41
C LEU B 69 9.58 8.72 -17.59
N GLU B 70 8.77 9.74 -17.85
CA GLU B 70 9.34 11.10 -18.02
C GLU B 70 10.01 11.53 -16.71
N ILE B 71 9.38 11.28 -15.56
CA ILE B 71 10.01 11.66 -14.26
C ILE B 71 11.36 10.93 -14.15
N MET B 72 11.38 9.64 -14.49
CA MET B 72 12.64 8.83 -14.50
C MET B 72 13.72 9.54 -15.32
N GLN B 73 13.42 9.86 -16.58
CA GLN B 73 14.39 10.50 -17.51
C GLN B 73 14.98 11.78 -16.90
N ASN B 74 14.13 12.67 -16.38
CA ASN B 74 14.58 13.98 -15.86
C ASN B 74 15.23 13.86 -14.47
N MET B 75 14.77 12.89 -13.66
CA MET B 75 15.23 12.78 -12.25
C MET B 75 16.58 12.07 -12.13
N LEU B 76 16.80 11.00 -12.90
CA LEU B 76 18.03 10.17 -12.71
C LEU B 76 18.87 10.05 -13.98
N GLY B 77 18.28 10.28 -15.15
CA GLY B 77 19.02 10.11 -16.42
C GLY B 77 18.73 8.74 -17.01
N GLU B 78 18.45 7.76 -16.15
CA GLU B 78 18.04 6.42 -16.63
C GLU B 78 16.77 6.63 -17.46
N ARG B 79 16.66 5.96 -18.61
CA ARG B 79 15.47 6.20 -19.47
C ARG B 79 15.07 4.89 -20.17
N PRO B 80 14.43 3.95 -19.45
CA PRO B 80 13.96 2.70 -20.06
C PRO B 80 12.66 2.98 -20.82
N ASN B 81 12.27 2.06 -21.70
CA ASN B 81 11.04 2.23 -22.54
C ASN B 81 9.80 1.73 -21.79
N GLY B 82 9.98 1.04 -20.65
CA GLY B 82 8.85 0.52 -19.87
C GLY B 82 9.17 0.42 -18.39
N LEU B 83 8.16 0.11 -17.55
CA LEU B 83 8.33 0.01 -16.07
C LEU B 83 9.42 -1.01 -15.74
N ASN B 84 10.02 -0.88 -14.55
CA ASN B 84 11.10 -1.79 -14.07
C ASN B 84 11.39 -1.43 -12.60
N GLU B 85 12.41 -2.05 -11.99
CA GLU B 85 12.76 -1.79 -10.56
C GLU B 85 13.16 -0.33 -10.39
N GLU B 86 13.96 0.20 -11.31
CA GLU B 86 14.43 1.60 -11.25
C GLU B 86 13.24 2.55 -11.07
N VAL B 87 12.21 2.38 -11.92
CA VAL B 87 10.98 3.22 -11.88
C VAL B 87 10.28 3.06 -10.52
N THR B 88 10.21 1.83 -9.98
CA THR B 88 9.50 1.62 -8.69
C THR B 88 10.30 2.28 -7.56
N ASP B 89 11.63 2.13 -7.56
CA ASP B 89 12.46 2.80 -6.51
C ASP B 89 12.17 4.30 -6.52
N MET B 90 12.10 4.89 -7.72
CA MET B 90 11.83 6.34 -7.89
C MET B 90 10.46 6.67 -7.28
N VAL B 91 9.42 5.90 -7.64
CA VAL B 91 8.05 6.18 -7.10
C VAL B 91 8.09 6.06 -5.57
N GLY B 92 8.83 5.09 -5.05
CA GLY B 92 8.97 4.96 -3.58
C GLY B 92 9.60 6.19 -2.95
N GLU B 93 10.67 6.72 -3.54
CA GLU B 93 11.35 7.91 -2.94
C GLU B 93 10.44 9.15 -3.08
N ILE B 94 9.74 9.28 -4.20
CA ILE B 94 8.80 10.43 -4.40
C ILE B 94 7.72 10.37 -3.31
N THR B 95 7.17 9.18 -3.06
CA THR B 95 6.15 9.01 -2.00
C THR B 95 6.69 9.49 -0.64
N ASN B 96 7.92 9.09 -0.29
CA ASN B 96 8.56 9.53 0.98
C ASN B 96 8.72 11.05 1.00
N MET B 97 9.23 11.64 -0.08
CA MET B 97 9.49 13.10 -0.11
C MET B 97 8.17 13.89 -0.01
N VAL B 98 7.16 13.47 -0.76
CA VAL B 98 5.84 14.17 -0.74
C VAL B 98 5.28 14.10 0.68
N THR B 99 5.32 12.91 1.29
CA THR B 99 4.74 12.73 2.64
C THR B 99 5.51 13.58 3.64
N GLY B 100 6.85 13.58 3.55
CA GLY B 100 7.72 14.38 4.43
C GLY B 100 7.39 15.86 4.31
N GLY B 101 7.20 16.36 3.08
CA GLY B 101 6.88 17.78 2.85
C GLY B 101 5.55 18.13 3.49
N ALA B 102 4.54 17.28 3.32
CA ALA B 102 3.21 17.49 3.92
C ALA B 102 3.29 17.41 5.44
N LYS B 103 4.10 16.49 5.97
CA LYS B 103 4.27 16.36 7.45
C LYS B 103 4.79 17.68 8.00
N ARG B 104 5.82 18.27 7.39
CA ARG B 104 6.45 19.53 7.84
C ARG B 104 5.42 20.67 7.81
N ILE B 105 4.59 20.74 6.77
CA ILE B 105 3.57 21.83 6.62
C ILE B 105 2.47 21.64 7.68
N LEU B 106 1.98 20.40 7.83
CA LEU B 106 0.85 20.15 8.76
C LEU B 106 1.31 20.30 10.22
N ALA B 107 2.59 20.11 10.52
CA ALA B 107 3.10 20.32 11.90
C ALA B 107 2.85 21.79 12.31
N GLU B 108 2.81 22.70 11.34
CA GLU B 108 2.54 24.15 11.61
C GLU B 108 1.14 24.32 12.20
N SER B 109 0.18 23.48 11.80
CA SER B 109 -1.24 23.58 12.27
C SER B 109 -1.55 22.57 13.37
N GLY B 110 -0.54 21.97 14.01
CA GLY B 110 -0.79 21.00 15.08
C GLY B 110 -1.35 19.66 14.58
N PHE B 111 -1.30 19.41 13.27
CA PHE B 111 -1.77 18.11 12.70
C PHE B 111 -0.51 17.25 12.56
N ASP B 112 -0.24 16.39 13.56
CA ASP B 112 1.02 15.62 13.59
C ASP B 112 0.78 14.15 13.27
N PHE B 113 1.74 13.56 12.57
CA PHE B 113 1.67 12.12 12.25
C PHE B 113 3.07 11.64 11.92
N ASP B 114 3.26 10.35 12.09
CA ASP B 114 4.51 9.64 11.73
C ASP B 114 4.21 8.78 10.51
N MET B 115 5.18 8.67 9.64
CA MET B 115 5.07 7.93 8.37
C MET B 115 5.57 6.49 8.55
N ALA B 116 4.92 5.55 7.89
CA ALA B 116 5.41 4.16 7.80
C ALA B 116 6.46 4.09 6.68
N THR B 117 6.54 2.96 5.99
CA THR B 117 7.49 2.81 4.85
C THR B 117 6.64 2.64 3.60
N PRO B 118 7.08 3.17 2.44
CA PRO B 118 6.27 3.10 1.23
C PRO B 118 6.25 1.71 0.59
N VAL B 119 5.13 1.45 -0.08
CA VAL B 119 4.92 0.22 -0.89
C VAL B 119 4.62 0.69 -2.33
N VAL B 120 5.21 0.05 -3.32
CA VAL B 120 4.97 0.47 -4.73
C VAL B 120 4.29 -0.69 -5.46
N VAL B 121 3.17 -0.37 -6.11
CA VAL B 121 2.40 -1.37 -6.90
C VAL B 121 2.56 -1.03 -8.39
N SER B 122 2.83 -2.05 -9.20
CA SER B 122 3.01 -1.93 -10.67
C SER B 122 2.02 -2.85 -11.39
N GLY B 123 1.31 -2.31 -12.37
CA GLY B 123 0.35 -3.10 -13.17
C GLY B 123 -0.52 -2.17 -13.99
N LYS B 124 -0.55 -2.39 -15.29
CA LYS B 124 -1.33 -1.54 -16.23
C LYS B 124 -2.79 -1.45 -15.77
N GLY B 125 -3.26 -0.24 -15.52
CA GLY B 125 -4.67 0.02 -15.19
C GLY B 125 -5.11 -0.60 -13.87
N HIS B 126 -4.24 -0.61 -12.85
CA HIS B 126 -4.72 -1.13 -11.54
C HIS B 126 -5.54 -0.03 -10.84
N THR B 127 -6.34 -0.43 -9.86
CA THR B 127 -7.23 0.51 -9.14
C THR B 127 -6.91 0.43 -7.65
N ILE B 128 -7.27 1.48 -6.92
CA ILE B 128 -6.93 1.61 -5.49
C ILE B 128 -8.19 1.98 -4.71
N ARG B 129 -8.33 1.39 -3.53
CA ARG B 129 -9.48 1.69 -2.64
C ARG B 129 -8.93 1.77 -1.21
N HIS B 130 -8.89 2.99 -0.69
CA HIS B 130 -8.49 3.23 0.72
C HIS B 130 -9.65 2.74 1.59
N LYS B 131 -9.35 1.97 2.63
CA LYS B 131 -10.42 1.40 3.48
C LYS B 131 -10.48 2.12 4.83
N CYS B 132 -10.27 3.42 4.84
CA CYS B 132 -10.24 4.14 6.12
C CYS B 132 -11.68 4.62 6.45
N GLU B 133 -12.03 4.67 7.74
CA GLU B 133 -13.38 5.15 8.17
C GLU B 133 -13.35 6.67 8.27
N GLY B 134 -13.21 7.32 7.12
CA GLY B 134 -13.14 8.79 7.03
C GLY B 134 -13.38 9.25 5.60
N SER B 135 -13.22 10.54 5.34
CA SER B 135 -13.43 11.08 3.98
C SER B 135 -12.25 10.70 3.07
N ILE B 136 -12.54 10.11 1.91
CA ILE B 136 -11.47 9.78 0.92
C ILE B 136 -11.44 10.90 -0.10
N ILE B 137 -10.29 11.56 -0.21
CA ILE B 137 -10.16 12.69 -1.16
C ILE B 137 -9.29 12.24 -2.33
N ILE B 138 -9.79 12.42 -3.55
CA ILE B 138 -9.04 12.04 -4.77
C ILE B 138 -8.80 13.31 -5.57
N MET B 139 -7.53 13.62 -5.84
CA MET B 139 -7.16 14.85 -6.57
C MET B 139 -6.36 14.49 -7.81
N PRO B 140 -6.93 14.72 -9.02
CA PRO B 140 -6.23 14.41 -10.27
C PRO B 140 -5.29 15.54 -10.73
N PHE B 141 -4.27 15.15 -11.49
CA PHE B 141 -3.26 16.06 -12.07
C PHE B 141 -3.02 15.61 -13.51
N SER B 142 -2.67 16.55 -14.38
CA SER B 142 -2.37 16.18 -15.79
C SER B 142 -1.01 16.76 -16.16
N SER B 143 -0.44 16.24 -17.23
CA SER B 143 0.84 16.73 -17.82
C SER B 143 0.82 16.32 -19.29
N GLN B 144 1.71 16.86 -20.11
CA GLN B 144 1.75 16.44 -21.53
C GLN B 144 2.28 15.01 -21.64
N TRP B 145 2.68 14.39 -20.52
CA TRP B 145 3.25 13.01 -20.56
C TRP B 145 2.27 11.99 -19.96
N GLY B 146 1.17 12.45 -19.38
CA GLY B 146 0.22 11.52 -18.74
C GLY B 146 -0.32 12.08 -17.42
N ASN B 147 -1.25 11.37 -16.81
CA ASN B 147 -1.96 11.89 -15.62
C ASN B 147 -1.50 11.20 -14.33
N ALA B 148 -1.84 11.81 -13.20
CA ALA B 148 -1.56 11.23 -11.88
C ALA B 148 -2.70 11.61 -10.95
N PHE B 149 -2.79 10.91 -9.83
CA PHE B 149 -3.81 11.32 -8.84
C PHE B 149 -3.32 10.91 -7.46
N ILE B 150 -3.57 11.79 -6.52
CA ILE B 150 -3.27 11.50 -5.10
C ILE B 150 -4.59 11.12 -4.45
N GLU B 151 -4.57 10.07 -3.63
CA GLU B 151 -5.72 9.73 -2.76
C GLU B 151 -5.24 9.81 -1.31
N ILE B 152 -6.04 10.43 -0.46
CA ILE B 152 -5.66 10.59 0.98
C ILE B 152 -6.90 10.30 1.80
N CYS B 153 -6.72 9.61 2.91
CA CYS B 153 -7.87 9.31 3.78
C CYS B 153 -7.36 9.33 5.21
N PHE B 154 -7.98 10.12 6.07
CA PHE B 154 -7.67 10.09 7.53
C PHE B 154 -8.96 9.79 8.30
N GLU B 155 -8.84 9.06 9.40
CA GLU B 155 -10.02 8.81 10.29
C GLU B 155 -10.10 9.94 11.32
#